data_2QPV
#
_entry.id   2QPV
#
_cell.length_a   95.852
_cell.length_b   95.852
_cell.length_c   76.618
_cell.angle_alpha   90.00
_cell.angle_beta   90.00
_cell.angle_gamma   120.00
#
_symmetry.space_group_name_H-M   'P 31 2 1'
#
loop_
_entity.id
_entity.type
_entity.pdbx_description
1 polymer 'Uncharacterized protein Atu1531'
2 non-polymer 'ACETIC ACID'
3 water water
#
_entity_poly.entity_id   1
_entity_poly.type   'polypeptide(L)'
_entity_poly.pdbx_seq_one_letter_code
;(MSE)GSSHHHHHHSSGRENLYFQGH(MSE)PV(MSE)QSRIIHLSVEKPWAEVYDFAANPGN(MSE)PRWAAGLAGGLE
ADGEDWIAKGGPLGEVRVNFAPHNEFGVIDHVVTLPDGLKVYNALRVTPNGSGTEVSFTLLRLEG(MSE)TDEDFEQDAS
AITADLE(MSE)LKSLLEAD
;
_entity_poly.pdbx_strand_id   A,B
#
# COMPACT_ATOMS: atom_id res chain seq x y z
N PRO A 24 24.22 7.28 -1.52
CA PRO A 24 24.83 7.78 -0.28
C PRO A 24 24.17 7.33 1.04
N VAL A 25 24.95 7.39 2.12
CA VAL A 25 24.46 7.06 3.46
C VAL A 25 23.36 8.03 3.86
N GLN A 27 20.32 9.38 6.68
N GLN A 27 20.31 9.40 6.67
CA GLN A 27 19.84 9.47 8.05
CA GLN A 27 19.73 9.52 8.01
C GLN A 27 18.82 8.36 8.31
C GLN A 27 18.85 8.32 8.30
N SER A 28 18.74 7.95 9.56
CA SER A 28 17.98 6.77 9.94
C SER A 28 17.36 6.95 11.29
N ARG A 29 16.31 6.17 11.54
CA ARG A 29 15.78 6.03 12.87
C ARG A 29 15.46 4.56 13.05
N ILE A 30 15.80 4.03 14.22
CA ILE A 30 15.48 2.64 14.50
C ILE A 30 14.22 2.62 15.37
N ILE A 31 13.12 2.17 14.78
CA ILE A 31 11.86 2.10 15.51
C ILE A 31 11.80 0.74 16.15
N HIS A 32 11.48 0.71 17.45
CA HIS A 32 11.46 -0.55 18.17
C HIS A 32 10.54 -0.54 19.39
N LEU A 33 10.08 -1.73 19.79
CA LEU A 33 9.30 -1.89 21.01
C LEU A 33 9.47 -3.30 21.52
N SER A 34 9.02 -3.53 22.77
CA SER A 34 9.13 -4.80 23.46
C SER A 34 7.84 -5.60 23.34
N VAL A 35 7.98 -6.92 23.16
CA VAL A 35 6.83 -7.86 23.14
C VAL A 35 7.01 -8.89 24.24
N GLU A 36 5.94 -9.19 24.96
CA GLU A 36 6.01 -10.10 26.08
C GLU A 36 5.69 -11.53 25.71
N LYS A 37 6.47 -12.04 24.75
CA LYS A 37 6.39 -13.42 24.27
C LYS A 37 7.83 -13.85 23.92
N PRO A 38 8.14 -15.16 24.05
CA PRO A 38 9.48 -15.65 23.70
C PRO A 38 9.91 -15.30 22.27
N TRP A 39 11.18 -14.94 22.13
CA TRP A 39 11.81 -14.56 20.86
C TRP A 39 11.49 -15.48 19.67
N ALA A 40 11.52 -16.79 19.89
CA ALA A 40 11.27 -17.77 18.83
C ALA A 40 9.82 -17.71 18.29
N GLU A 41 8.87 -17.56 19.21
CA GLU A 41 7.45 -17.46 18.91
C GLU A 41 7.06 -16.18 18.19
N VAL A 42 7.77 -15.09 18.49
CA VAL A 42 7.57 -13.81 17.81
C VAL A 42 8.11 -13.89 16.39
N TYR A 43 9.27 -14.50 16.23
CA TYR A 43 9.86 -14.77 14.93
C TYR A 43 8.99 -15.70 14.08
N ASP A 44 8.51 -16.78 14.70
CA ASP A 44 7.64 -17.73 14.01
C ASP A 44 6.44 -17.03 13.36
N PHE A 45 5.75 -16.20 14.15
CA PHE A 45 4.60 -15.44 13.66
C PHE A 45 4.97 -14.32 12.68
N ALA A 46 5.99 -13.53 13.02
CA ALA A 46 6.34 -12.34 12.24
C ALA A 46 7.11 -12.60 10.94
N ALA A 47 7.83 -13.72 10.87
CA ALA A 47 8.66 -14.03 9.71
C ALA A 47 7.85 -14.70 8.59
N ASN A 48 6.65 -15.18 8.94
CA ASN A 48 5.71 -15.76 8.01
C ASN A 48 5.03 -14.64 7.22
N PRO A 49 5.39 -14.47 5.93
CA PRO A 49 4.92 -13.33 5.15
C PRO A 49 3.40 -13.30 5.00
N GLY A 50 2.78 -14.47 5.01
CA GLY A 50 1.32 -14.58 4.95
C GLY A 50 0.55 -14.08 6.17
N ASN A 51 1.26 -13.79 7.25
CA ASN A 51 0.68 -13.17 8.45
C ASN A 51 0.79 -11.65 8.38
N PRO A 53 -0.30 -9.21 6.32
CA PRO A 53 -1.52 -8.41 6.21
C PRO A 53 -2.26 -8.23 7.52
N ARG A 54 -1.90 -8.99 8.56
CA ARG A 54 -2.60 -8.93 9.85
C ARG A 54 -2.11 -7.78 10.72
N TRP A 55 -0.88 -7.35 10.50
CA TRP A 55 -0.28 -6.28 11.28
C TRP A 55 0.33 -5.13 10.46
N ALA A 56 0.69 -5.40 9.18
CA ALA A 56 1.20 -4.32 8.33
C ALA A 56 0.08 -3.69 7.51
N ALA A 57 -0.39 -2.53 7.95
CA ALA A 57 -1.59 -1.87 7.39
C ALA A 57 -1.54 -1.63 5.88
N GLY A 58 -0.34 -1.39 5.35
CA GLY A 58 -0.14 -1.25 3.90
C GLY A 58 -0.45 -2.52 3.13
N LEU A 59 -0.51 -3.64 3.84
CA LEU A 59 -0.77 -4.95 3.22
C LEU A 59 -2.12 -5.52 3.61
N ALA A 60 -2.88 -4.76 4.40
CA ALA A 60 -4.23 -5.18 4.82
C ALA A 60 -5.06 -5.70 3.64
N GLY A 61 -4.79 -5.20 2.43
CA GLY A 61 -5.44 -5.71 1.21
C GLY A 61 -5.08 -7.14 0.83
N GLY A 62 -3.89 -7.60 1.21
CA GLY A 62 -3.44 -8.97 0.98
C GLY A 62 -2.02 -9.10 0.45
N LEU A 63 -1.42 -10.27 0.67
CA LEU A 63 -0.08 -10.57 0.17
C LEU A 63 -0.08 -11.96 -0.42
N GLU A 64 0.25 -12.05 -1.71
CA GLU A 64 0.21 -13.31 -2.46
C GLU A 64 1.61 -13.76 -2.80
N ALA A 65 1.85 -15.07 -2.70
CA ALA A 65 3.14 -15.64 -3.07
C ALA A 65 3.28 -15.66 -4.60
N ASP A 66 4.49 -15.34 -5.07
CA ASP A 66 4.74 -15.04 -6.48
C ASP A 66 6.20 -15.36 -6.88
N GLY A 67 6.46 -16.62 -7.24
CA GLY A 67 7.78 -17.08 -7.69
C GLY A 67 8.94 -16.84 -6.74
N GLU A 68 8.90 -17.48 -5.58
CA GLU A 68 9.88 -17.28 -4.48
C GLU A 68 9.65 -16.01 -3.64
N ASP A 69 9.10 -14.96 -4.25
CA ASP A 69 8.79 -13.73 -3.50
C ASP A 69 7.29 -13.41 -3.46
N TRP A 70 6.96 -12.19 -3.02
CA TRP A 70 5.60 -11.83 -2.67
C TRP A 70 5.15 -10.53 -3.32
N ILE A 71 3.87 -10.45 -3.63
CA ILE A 71 3.31 -9.31 -4.35
C ILE A 71 2.11 -8.73 -3.61
N ALA A 72 2.07 -7.41 -3.51
CA ALA A 72 0.94 -6.70 -2.90
C ALA A 72 0.16 -5.97 -3.97
N LYS A 73 -1.04 -6.48 -4.23
CA LYS A 73 -1.87 -6.05 -5.38
C LYS A 73 -2.89 -4.97 -5.02
N GLY A 74 -2.87 -3.86 -5.76
CA GLY A 74 -4.06 -3.00 -5.83
C GLY A 74 -4.01 -1.57 -5.35
N GLY A 75 -5.03 -0.81 -5.72
CA GLY A 75 -5.31 0.48 -5.08
C GLY A 75 -4.70 1.69 -5.76
N PRO A 76 -4.01 2.55 -4.97
CA PRO A 76 -3.40 3.77 -5.51
C PRO A 76 -2.30 3.42 -6.52
N LEU A 77 -1.16 2.97 -5.99
CA LEU A 77 -0.11 2.31 -6.74
C LEU A 77 -0.49 0.85 -6.73
N GLY A 78 -0.81 0.30 -7.90
CA GLY A 78 -1.35 -1.04 -7.98
C GLY A 78 -0.38 -2.17 -7.64
N GLU A 79 0.92 -1.83 -7.44
CA GLU A 79 2.00 -2.81 -7.59
C GLU A 79 3.28 -2.61 -6.78
N VAL A 80 3.38 -3.30 -5.64
CA VAL A 80 4.69 -3.50 -4.99
C VAL A 80 5.05 -4.97 -4.77
N ARG A 81 6.33 -5.26 -4.93
CA ARG A 81 6.88 -6.58 -4.71
C ARG A 81 7.70 -6.54 -3.40
N VAL A 82 7.64 -7.61 -2.60
CA VAL A 82 8.49 -7.71 -1.41
C VAL A 82 9.30 -9.01 -1.40
N ASN A 83 10.61 -8.86 -1.15
CA ASN A 83 11.53 -9.99 -1.04
CA ASN A 83 11.52 -9.99 -1.04
C ASN A 83 12.07 -10.11 0.39
N PHE A 84 11.81 -11.24 1.05
CA PHE A 84 12.25 -11.45 2.43
C PHE A 84 13.55 -12.20 2.50
N ALA A 85 14.31 -11.91 3.56
CA ALA A 85 15.51 -12.66 3.91
C ALA A 85 15.17 -14.13 4.15
N PRO A 86 16.11 -15.05 3.87
CA PRO A 86 15.75 -16.45 4.03
C PRO A 86 15.71 -16.85 5.51
N HIS A 87 15.04 -17.95 5.83
CA HIS A 87 14.87 -18.35 7.23
C HIS A 87 16.20 -18.58 7.93
N ASN A 88 16.27 -18.12 9.16
CA ASN A 88 17.53 -18.07 9.87
C ASN A 88 17.29 -18.16 11.37
N GLU A 89 18.38 -18.38 12.11
CA GLU A 89 18.29 -18.46 13.55
C GLU A 89 18.81 -17.20 14.25
N PHE A 90 18.77 -16.06 13.54
CA PHE A 90 19.26 -14.79 14.09
C PHE A 90 18.18 -13.75 14.31
N GLY A 91 16.92 -14.17 14.19
CA GLY A 91 15.75 -13.28 14.33
C GLY A 91 15.57 -12.24 13.24
N VAL A 92 16.24 -12.45 12.10
CA VAL A 92 16.28 -11.46 11.01
C VAL A 92 15.09 -11.63 10.03
N ILE A 93 14.33 -10.54 9.84
CA ILE A 93 13.20 -10.52 8.91
C ILE A 93 13.33 -9.34 7.94
N ASP A 94 14.56 -9.04 7.55
CA ASP A 94 14.83 -8.01 6.54
C ASP A 94 14.03 -8.30 5.28
N HIS A 95 13.61 -7.24 4.61
CA HIS A 95 12.97 -7.36 3.31
C HIS A 95 13.31 -6.17 2.43
N VAL A 96 13.30 -6.41 1.13
CA VAL A 96 13.47 -5.35 0.13
C VAL A 96 12.11 -5.12 -0.57
N VAL A 97 11.65 -3.89 -0.55
CA VAL A 97 10.41 -3.52 -1.25
C VAL A 97 10.77 -2.91 -2.59
N THR A 98 10.21 -3.45 -3.66
CA THR A 98 10.42 -2.85 -4.98
C THR A 98 9.23 -1.98 -5.31
N LEU A 99 9.49 -0.68 -5.42
CA LEU A 99 8.45 0.28 -5.78
C LEU A 99 8.04 0.10 -7.24
N PRO A 100 6.80 0.52 -7.59
CA PRO A 100 6.29 0.43 -8.96
C PRO A 100 7.23 1.04 -10.02
N ASP A 101 8.03 2.02 -9.60
CA ASP A 101 8.97 2.70 -10.49
C ASP A 101 10.33 2.00 -10.59
N GLY A 102 10.50 0.89 -9.85
CA GLY A 102 11.71 0.10 -9.93
C GLY A 102 12.71 0.28 -8.78
N LEU A 103 12.52 1.31 -7.97
CA LEU A 103 13.40 1.55 -6.84
C LEU A 103 13.23 0.45 -5.75
N LYS A 104 14.36 -0.11 -5.32
CA LYS A 104 14.39 -1.13 -4.28
C LYS A 104 14.78 -0.48 -2.97
N VAL A 105 13.94 -0.69 -1.97
CA VAL A 105 14.10 -0.09 -0.66
C VAL A 105 14.37 -1.20 0.33
N TYR A 106 15.50 -1.09 1.03
CA TYR A 106 15.91 -2.10 1.99
C TYR A 106 15.45 -1.76 3.43
N ASN A 107 14.68 -2.66 4.04
CA ASN A 107 14.17 -2.48 5.39
C ASN A 107 14.76 -3.52 6.36
N ALA A 108 15.71 -3.12 7.21
CA ALA A 108 16.24 -4.04 8.23
C ALA A 108 15.18 -4.20 9.29
N LEU A 109 14.87 -5.45 9.63
CA LEU A 109 13.82 -5.76 10.60
C LEU A 109 14.27 -7.01 11.34
N ARG A 110 14.26 -6.92 12.67
CA ARG A 110 14.88 -7.94 13.49
C ARG A 110 14.20 -8.11 14.84
N VAL A 111 14.31 -9.32 15.36
CA VAL A 111 13.67 -9.74 16.59
C VAL A 111 14.82 -10.35 17.46
N THR A 112 15.03 -9.83 18.67
CA THR A 112 16.10 -10.31 19.58
C THR A 112 15.55 -10.51 21.00
N PRO A 113 16.19 -11.39 21.82
CA PRO A 113 15.70 -11.64 23.18
C PRO A 113 15.83 -10.40 24.06
N ASN A 114 14.79 -10.11 24.83
CA ASN A 114 14.84 -9.07 25.84
C ASN A 114 14.40 -9.69 27.15
N GLY A 115 15.34 -10.30 27.88
CA GLY A 115 14.98 -11.16 29.01
C GLY A 115 14.09 -12.30 28.54
N SER A 116 12.89 -12.41 29.13
CA SER A 116 11.89 -13.43 28.79
CA SER A 116 11.94 -13.45 28.74
C SER A 116 11.04 -13.04 27.58
N GLY A 117 11.18 -11.79 27.13
CA GLY A 117 10.43 -11.27 26.01
C GLY A 117 11.36 -10.94 24.85
N THR A 118 10.92 -10.00 24.01
CA THR A 118 11.54 -9.75 22.73
C THR A 118 11.60 -8.26 22.45
N GLU A 119 12.67 -7.82 21.78
CA GLU A 119 12.71 -6.48 21.20
C GLU A 119 12.54 -6.61 19.68
N VAL A 120 11.53 -5.94 19.13
CA VAL A 120 11.34 -5.90 17.67
C VAL A 120 11.86 -4.55 17.17
N SER A 121 12.68 -4.55 16.12
CA SER A 121 13.20 -3.27 15.61
C SER A 121 13.19 -3.15 14.10
N PHE A 122 12.96 -1.93 13.63
CA PHE A 122 12.85 -1.62 12.21
C PHE A 122 13.78 -0.44 11.95
N THR A 123 14.74 -0.61 11.05
CA THR A 123 15.63 0.49 10.67
C THR A 123 15.07 1.29 9.50
N LEU A 124 14.59 2.49 9.80
CA LEU A 124 13.98 3.37 8.82
C LEU A 124 15.01 4.31 8.22
N LEU A 125 15.21 4.20 6.90
CA LEU A 125 16.17 5.03 6.18
C LEU A 125 15.42 6.15 5.50
N ARG A 126 15.90 7.37 5.69
CA ARG A 126 15.32 8.52 5.03
C ARG A 126 15.64 8.49 3.53
N LEU A 127 14.62 8.41 2.69
CA LEU A 127 14.82 8.49 1.23
C LEU A 127 15.21 9.91 0.81
N GLU A 128 15.95 9.99 -0.29
CA GLU A 128 16.43 11.25 -0.85
C GLU A 128 15.28 12.25 -1.09
N GLY A 129 15.54 13.51 -0.73
CA GLY A 129 14.59 14.61 -0.95
C GLY A 129 13.36 14.63 -0.07
N THR A 131 10.87 15.35 3.04
CA THR A 131 10.69 16.36 4.06
C THR A 131 10.74 15.73 5.47
N ASP A 132 10.98 16.55 6.48
CA ASP A 132 10.85 16.12 7.88
C ASP A 132 9.47 15.49 8.14
N GLU A 133 8.40 16.11 7.66
CA GLU A 133 7.05 15.57 7.82
C GLU A 133 6.87 14.22 7.14
N ASP A 134 7.51 14.03 5.99
CA ASP A 134 7.38 12.77 5.25
C ASP A 134 7.99 11.65 6.07
N PHE A 135 9.15 11.91 6.62
CA PHE A 135 9.86 10.95 7.48
C PHE A 135 9.08 10.62 8.74
N GLU A 136 8.46 11.64 9.34
CA GLU A 136 7.76 11.46 10.60
C GLU A 136 6.47 10.65 10.41
N GLN A 137 5.81 10.85 9.28
CA GLN A 137 4.61 10.09 8.92
C GLN A 137 4.97 8.63 8.70
N ASP A 138 6.05 8.39 7.96
CA ASP A 138 6.60 7.05 7.75
C ASP A 138 6.86 6.36 9.09
N ALA A 139 7.54 7.07 10.00
CA ALA A 139 7.91 6.52 11.31
C ALA A 139 6.71 6.24 12.22
N SER A 140 5.70 7.08 12.16
CA SER A 140 4.53 6.84 12.99
C SER A 140 3.66 5.70 12.44
N ALA A 141 3.73 5.50 11.13
CA ALA A 141 3.10 4.35 10.45
C ALA A 141 3.78 3.01 10.78
N ILE A 142 5.11 2.98 10.78
CA ILE A 142 5.84 1.77 11.14
C ILE A 142 5.59 1.39 12.60
N THR A 143 5.61 2.40 13.48
CA THR A 143 5.31 2.24 14.89
C THR A 143 3.96 1.62 15.11
N ALA A 144 2.96 2.06 14.35
CA ALA A 144 1.61 1.51 14.49
C ALA A 144 1.55 0.07 14.00
N ASP A 145 2.33 -0.24 12.97
CA ASP A 145 2.44 -1.61 12.47
C ASP A 145 3.09 -2.50 13.53
N LEU A 146 4.14 -2.02 14.20
CA LEU A 146 4.78 -2.81 15.27
C LEU A 146 3.87 -2.94 16.50
N GLU A 147 3.18 -1.85 16.84
CA GLU A 147 2.21 -1.88 17.93
C GLU A 147 1.10 -2.90 17.71
N LEU A 149 1.43 -5.64 15.79
CA LEU A 149 2.14 -6.91 15.97
C LEU A 149 2.20 -7.30 17.44
N LYS A 150 2.65 -6.37 18.28
CA LYS A 150 2.65 -6.57 19.74
C LYS A 150 1.27 -7.02 20.23
N SER A 151 0.24 -6.22 19.94
CA SER A 151 -1.16 -6.55 20.28
C SER A 151 -1.57 -7.99 19.95
N LEU A 152 -1.34 -8.38 18.69
CA LEU A 152 -1.65 -9.72 18.20
C LEU A 152 -1.00 -10.82 19.03
N LEU A 153 0.30 -10.66 19.29
CA LEU A 153 1.09 -11.70 19.95
C LEU A 153 0.73 -11.87 21.42
N GLU A 154 0.43 -10.74 22.06
CA GLU A 154 0.15 -10.69 23.50
C GLU A 154 -1.31 -11.03 23.86
N ALA A 155 -2.15 -11.24 22.85
CA ALA A 155 -3.54 -11.66 23.07
C ALA A 155 -3.67 -13.20 23.09
N PRO B 24 8.96 10.57 -21.14
CA PRO B 24 8.36 10.17 -22.41
C PRO B 24 6.92 9.65 -22.28
N VAL B 25 6.25 9.51 -23.42
CA VAL B 25 4.91 8.92 -23.50
C VAL B 25 5.00 7.43 -23.15
N GLN B 27 3.37 3.41 -22.49
CA GLN B 27 2.41 2.36 -22.88
C GLN B 27 1.23 2.38 -21.94
N SER B 28 0.07 1.99 -22.44
CA SER B 28 -1.13 2.15 -21.65
C SER B 28 -2.18 1.07 -21.85
N ARG B 29 -3.11 1.10 -20.92
CA ARG B 29 -4.20 0.17 -20.85
C ARG B 29 -5.33 0.94 -20.19
N ILE B 30 -6.51 0.97 -20.82
CA ILE B 30 -7.69 1.52 -20.14
C ILE B 30 -8.58 0.40 -19.63
N ILE B 31 -8.61 0.28 -18.29
CA ILE B 31 -9.41 -0.73 -17.63
C ILE B 31 -10.79 -0.13 -17.42
N HIS B 32 -11.84 -0.85 -17.78
CA HIS B 32 -13.18 -0.30 -17.62
C HIS B 32 -14.27 -1.36 -17.46
N LEU B 33 -15.38 -0.96 -16.86
CA LEU B 33 -16.56 -1.84 -16.77
C LEU B 33 -17.82 -1.02 -16.55
N SER B 34 -18.96 -1.69 -16.63
CA SER B 34 -20.23 -1.00 -16.45
C SER B 34 -20.84 -1.25 -15.08
N VAL B 35 -21.54 -0.23 -14.57
CA VAL B 35 -22.22 -0.32 -13.29
C VAL B 35 -23.68 0.04 -13.54
N GLU B 36 -24.59 -0.80 -13.02
CA GLU B 36 -26.01 -0.63 -13.26
C GLU B 36 -26.64 0.25 -12.19
N LYS B 37 -26.11 1.46 -12.09
CA LYS B 37 -26.62 2.50 -11.23
C LYS B 37 -26.47 3.78 -12.04
N PRO B 38 -27.32 4.79 -11.76
CA PRO B 38 -27.19 6.08 -12.44
C PRO B 38 -25.80 6.67 -12.28
N TRP B 39 -25.41 7.48 -13.23
CA TRP B 39 -24.09 8.11 -13.28
C TRP B 39 -23.79 8.95 -12.03
N ALA B 40 -24.77 9.73 -11.60
CA ALA B 40 -24.62 10.67 -10.48
C ALA B 40 -24.35 10.01 -9.12
N GLU B 41 -24.99 8.87 -8.85
CA GLU B 41 -24.79 8.18 -7.58
C GLU B 41 -23.54 7.29 -7.56
N VAL B 42 -23.04 6.93 -8.75
CA VAL B 42 -21.76 6.23 -8.84
C VAL B 42 -20.61 7.22 -8.59
N TYR B 43 -20.74 8.44 -9.10
CA TYR B 43 -19.75 9.48 -8.88
C TYR B 43 -19.74 9.98 -7.44
N ASP B 44 -20.93 10.24 -6.88
CA ASP B 44 -21.05 10.73 -5.51
C ASP B 44 -20.39 9.76 -4.50
N PHE B 45 -20.53 8.47 -4.76
CA PHE B 45 -19.90 7.45 -3.93
C PHE B 45 -18.38 7.34 -4.20
N ALA B 46 -18.01 7.13 -5.47
CA ALA B 46 -16.61 6.90 -5.83
C ALA B 46 -15.70 8.13 -5.69
N ALA B 47 -16.26 9.32 -5.76
CA ALA B 47 -15.48 10.56 -5.59
C ALA B 47 -15.29 10.95 -4.11
N ASN B 48 -15.92 10.20 -3.20
CA ASN B 48 -15.71 10.39 -1.77
C ASN B 48 -14.46 9.64 -1.35
N PRO B 49 -13.35 10.36 -1.07
CA PRO B 49 -12.11 9.62 -0.78
C PRO B 49 -12.20 8.82 0.52
N GLY B 50 -13.11 9.21 1.40
CA GLY B 50 -13.44 8.43 2.59
C GLY B 50 -14.10 7.08 2.32
N ASN B 51 -14.56 6.88 1.08
CA ASN B 51 -15.13 5.60 0.66
C ASN B 51 -14.11 4.69 0.00
N PRO B 53 -11.10 3.20 0.95
CA PRO B 53 -10.76 1.96 1.66
C PRO B 53 -11.73 0.79 1.44
N ARG B 54 -13.00 1.10 1.17
CA ARG B 54 -14.04 0.09 0.95
C ARG B 54 -13.89 -0.68 -0.35
N TRP B 55 -13.13 -0.12 -1.30
CA TRP B 55 -13.01 -0.75 -2.63
C TRP B 55 -11.60 -0.75 -3.26
N ALA B 56 -10.74 0.20 -2.89
CA ALA B 56 -9.34 0.18 -3.39
C ALA B 56 -8.47 -0.62 -2.40
N ALA B 57 -8.03 -1.81 -2.82
CA ALA B 57 -7.35 -2.78 -1.94
C ALA B 57 -6.04 -2.24 -1.33
N GLY B 58 -5.27 -1.50 -2.12
CA GLY B 58 -4.06 -0.86 -1.61
C GLY B 58 -4.35 0.09 -0.47
N LEU B 59 -5.62 0.46 -0.32
CA LEU B 59 -6.05 1.41 0.71
C LEU B 59 -6.89 0.77 1.79
N ALA B 60 -7.19 -0.52 1.65
CA ALA B 60 -7.96 -1.28 2.67
C ALA B 60 -7.65 -0.92 4.11
N GLY B 61 -6.38 -0.62 4.41
CA GLY B 61 -5.98 -0.27 5.77
C GLY B 61 -6.26 1.17 6.18
N GLY B 62 -6.94 1.92 5.32
CA GLY B 62 -7.33 3.31 5.63
C GLY B 62 -6.69 4.40 4.80
N LEU B 63 -7.29 5.59 4.85
CA LEU B 63 -6.81 6.79 4.15
C LEU B 63 -7.22 8.01 4.97
N GLU B 64 -6.22 8.75 5.47
CA GLU B 64 -6.47 9.89 6.34
C GLU B 64 -6.37 11.22 5.59
N ALA B 65 -7.32 12.11 5.82
CA ALA B 65 -7.23 13.50 5.35
C ALA B 65 -6.03 14.21 6.00
N ASP B 66 -5.29 14.95 5.19
CA ASP B 66 -4.05 15.61 5.65
C ASP B 66 -3.74 16.85 4.80
N GLY B 67 -4.09 18.01 5.34
CA GLY B 67 -3.75 19.30 4.74
C GLY B 67 -4.40 19.60 3.40
N GLU B 68 -5.59 19.04 3.19
CA GLU B 68 -6.31 19.06 1.90
C GLU B 68 -5.73 18.05 0.90
N ASP B 69 -4.94 17.11 1.42
CA ASP B 69 -4.51 15.92 0.69
C ASP B 69 -4.85 14.70 1.53
N TRP B 70 -4.54 13.53 1.02
CA TRP B 70 -4.80 12.30 1.73
C TRP B 70 -3.48 11.54 1.83
N ILE B 71 -3.30 10.85 2.94
CA ILE B 71 -2.14 10.02 3.14
C ILE B 71 -2.63 8.63 3.50
N ALA B 72 -2.05 7.62 2.85
CA ALA B 72 -2.26 6.25 3.26
C ALA B 72 -0.97 5.77 3.92
N LYS B 73 -1.09 5.31 5.16
CA LYS B 73 0.03 4.72 5.92
C LYS B 73 -0.42 3.30 6.30
N GLY B 74 0.50 2.36 6.50
CA GLY B 74 1.93 2.51 6.25
C GLY B 74 2.43 1.28 5.51
N GLY B 75 2.68 0.21 6.26
CA GLY B 75 2.92 -1.09 5.66
C GLY B 75 4.33 -1.31 5.18
N PRO B 76 4.48 -1.76 3.92
CA PRO B 76 5.81 -1.94 3.32
C PRO B 76 6.43 -0.57 3.01
N LEU B 77 5.62 0.27 2.34
CA LEU B 77 6.01 1.57 1.84
C LEU B 77 5.94 2.73 2.83
N GLY B 78 5.60 2.44 4.09
CA GLY B 78 5.43 3.49 5.11
C GLY B 78 4.33 4.52 4.86
N GLU B 79 4.40 5.24 3.73
CA GLU B 79 3.58 6.42 3.51
C GLU B 79 3.51 6.80 2.04
N VAL B 80 2.28 7.07 1.59
CA VAL B 80 2.00 7.50 0.23
C VAL B 80 0.96 8.62 0.29
N ARG B 81 1.16 9.65 -0.52
CA ARG B 81 0.18 10.75 -0.59
C ARG B 81 -0.71 10.65 -1.82
N VAL B 82 -1.97 11.04 -1.65
CA VAL B 82 -2.90 11.09 -2.77
C VAL B 82 -3.57 12.45 -2.84
N ASN B 83 -3.55 13.00 -4.05
CA ASN B 83 -4.14 14.28 -4.38
CA ASN B 83 -4.16 14.28 -4.36
C ASN B 83 -5.27 14.04 -5.38
N PHE B 84 -6.49 14.44 -5.04
CA PHE B 84 -7.63 14.22 -5.96
C PHE B 84 -7.98 15.49 -6.74
N ALA B 85 -8.55 15.28 -7.91
CA ALA B 85 -9.23 16.32 -8.67
C ALA B 85 -10.35 16.92 -7.81
N PRO B 86 -10.57 18.25 -7.91
CA PRO B 86 -11.72 18.88 -7.23
C PRO B 86 -13.05 18.32 -7.73
N HIS B 87 -14.07 18.35 -6.87
CA HIS B 87 -15.39 17.83 -7.22
C HIS B 87 -15.98 18.58 -8.41
N ASN B 88 -16.27 17.86 -9.48
CA ASN B 88 -16.70 18.46 -10.73
C ASN B 88 -17.99 17.85 -11.27
N GLU B 89 -18.44 18.38 -12.40
CA GLU B 89 -19.67 17.91 -13.03
C GLU B 89 -19.41 16.90 -14.17
N PHE B 90 -18.16 16.46 -14.33
CA PHE B 90 -17.77 15.60 -15.47
C PHE B 90 -17.51 14.14 -15.13
N GLY B 91 -17.83 13.72 -13.91
CA GLY B 91 -17.48 12.39 -13.42
C GLY B 91 -15.99 12.11 -13.28
N VAL B 92 -15.18 13.15 -13.24
CA VAL B 92 -13.72 12.98 -13.18
C VAL B 92 -13.24 12.74 -11.76
N ILE B 93 -12.55 11.63 -11.53
CA ILE B 93 -12.00 11.32 -10.21
C ILE B 93 -10.50 11.04 -10.29
N ASP B 94 -9.84 11.71 -11.24
CA ASP B 94 -8.38 11.64 -11.38
C ASP B 94 -7.66 11.80 -10.03
N HIS B 95 -6.56 11.08 -9.85
CA HIS B 95 -5.71 11.33 -8.68
C HIS B 95 -4.21 11.17 -8.99
N VAL B 96 -3.39 11.93 -8.27
CA VAL B 96 -1.93 11.83 -8.38
C VAL B 96 -1.42 11.14 -7.11
N VAL B 97 -0.65 10.06 -7.30
CA VAL B 97 -0.04 9.36 -6.19
C VAL B 97 1.43 9.72 -6.09
N THR B 98 1.86 10.10 -4.87
CA THR B 98 3.27 10.39 -4.59
C THR B 98 3.88 9.25 -3.78
N LEU B 99 4.69 8.44 -4.47
CA LEU B 99 5.46 7.36 -3.86
C LEU B 99 6.46 7.96 -2.86
N PRO B 100 6.86 7.17 -1.84
CA PRO B 100 7.77 7.66 -0.79
C PRO B 100 9.15 8.09 -1.29
N ASP B 101 9.47 7.71 -2.54
CA ASP B 101 10.70 8.21 -3.16
C ASP B 101 10.43 9.48 -3.95
N GLY B 102 9.17 9.93 -3.94
CA GLY B 102 8.81 11.21 -4.50
C GLY B 102 8.32 11.20 -5.94
N LEU B 103 8.27 10.04 -6.58
CA LEU B 103 7.67 9.99 -7.92
C LEU B 103 6.15 10.23 -7.90
N LYS B 104 5.70 11.16 -8.73
CA LYS B 104 4.27 11.45 -8.87
C LYS B 104 3.64 10.67 -10.03
N VAL B 105 2.59 9.91 -9.71
CA VAL B 105 1.94 8.97 -10.63
C VAL B 105 0.50 9.43 -10.87
N TYR B 106 0.19 9.78 -12.11
CA TYR B 106 -1.10 10.30 -12.46
C TYR B 106 -2.06 9.19 -12.93
N ASN B 107 -3.19 9.03 -12.23
CA ASN B 107 -4.17 8.01 -12.57
C ASN B 107 -5.44 8.71 -13.04
N ALA B 108 -5.78 8.55 -14.31
CA ALA B 108 -7.04 9.09 -14.79
C ALA B 108 -8.13 8.07 -14.51
N LEU B 109 -9.17 8.52 -13.83
CA LEU B 109 -10.30 7.71 -13.44
C LEU B 109 -11.56 8.54 -13.66
N ARG B 110 -12.51 8.01 -14.39
CA ARG B 110 -13.68 8.78 -14.79
C ARG B 110 -14.89 7.87 -14.85
N VAL B 111 -16.04 8.47 -14.57
CA VAL B 111 -17.34 7.79 -14.57
C VAL B 111 -18.19 8.56 -15.58
N THR B 112 -18.86 7.86 -16.50
CA THR B 112 -19.66 8.49 -17.58
C THR B 112 -20.97 7.72 -17.83
N PRO B 113 -22.04 8.41 -18.31
CA PRO B 113 -23.28 7.68 -18.59
C PRO B 113 -23.15 6.58 -19.64
N ASN B 114 -23.80 5.46 -19.38
CA ASN B 114 -23.87 4.36 -20.33
C ASN B 114 -25.31 3.86 -20.32
N GLY B 115 -26.14 4.44 -21.18
CA GLY B 115 -27.59 4.27 -21.06
C GLY B 115 -28.06 4.78 -19.70
N SER B 116 -28.85 3.97 -19.01
CA SER B 116 -29.37 4.30 -17.67
C SER B 116 -28.35 3.98 -16.58
N GLY B 117 -27.20 3.48 -17.02
CA GLY B 117 -26.12 3.09 -16.14
C GLY B 117 -24.87 3.91 -16.37
N THR B 118 -23.73 3.30 -16.05
CA THR B 118 -22.49 4.01 -15.91
C THR B 118 -21.34 3.19 -16.50
N GLU B 119 -20.44 3.85 -17.21
CA GLU B 119 -19.15 3.24 -17.54
C GLU B 119 -18.08 3.84 -16.64
N VAL B 120 -17.28 2.97 -16.02
CA VAL B 120 -16.21 3.36 -15.10
C VAL B 120 -14.89 3.00 -15.75
N SER B 121 -13.97 3.95 -15.86
CA SER B 121 -12.70 3.67 -16.51
C SER B 121 -11.48 4.22 -15.80
N PHE B 122 -10.40 3.45 -15.85
CA PHE B 122 -9.13 3.80 -15.20
C PHE B 122 -8.04 3.69 -16.26
N THR B 123 -7.27 4.76 -16.44
CA THR B 123 -6.16 4.79 -17.41
C THR B 123 -4.81 4.42 -16.76
N LEU B 124 -4.40 3.17 -17.01
CA LEU B 124 -3.16 2.61 -16.49
C LEU B 124 -1.99 2.93 -17.40
N LEU B 125 -1.03 3.67 -16.87
CA LEU B 125 0.17 4.04 -17.62
C LEU B 125 1.33 3.18 -17.16
N ARG B 126 2.05 2.59 -18.10
CA ARG B 126 3.19 1.74 -17.78
C ARG B 126 4.48 2.55 -17.54
N LEU B 127 4.93 2.56 -16.28
CA LEU B 127 6.13 3.30 -15.85
C LEU B 127 7.41 2.63 -16.34
N GLU B 128 8.46 3.43 -16.53
CA GLU B 128 9.80 2.91 -16.84
C GLU B 128 10.25 2.02 -15.68
N GLY B 129 10.58 0.77 -15.99
CA GLY B 129 11.02 -0.17 -14.97
C GLY B 129 9.89 -0.97 -14.36
N THR B 131 7.88 -4.59 -15.40
CA THR B 131 7.96 -5.77 -16.26
C THR B 131 6.55 -6.13 -16.75
N ASP B 132 6.48 -6.96 -17.80
CA ASP B 132 5.20 -7.46 -18.32
C ASP B 132 4.29 -8.04 -17.25
N GLU B 133 4.87 -8.77 -16.29
CA GLU B 133 4.09 -9.39 -15.23
C GLU B 133 3.68 -8.38 -14.19
N ASP B 134 4.45 -7.30 -14.06
CA ASP B 134 4.11 -6.24 -13.11
C ASP B 134 2.96 -5.45 -13.70
N PHE B 135 3.08 -5.13 -14.98
CA PHE B 135 2.03 -4.44 -15.70
C PHE B 135 0.74 -5.23 -15.68
N GLU B 136 0.81 -6.53 -15.97
CA GLU B 136 -0.36 -7.40 -15.94
C GLU B 136 -1.01 -7.50 -14.57
N GLN B 137 -0.17 -7.68 -13.55
CA GLN B 137 -0.63 -7.78 -12.16
C GLN B 137 -1.29 -6.47 -11.71
N ASP B 138 -0.75 -5.36 -12.19
CA ASP B 138 -1.29 -4.04 -11.93
C ASP B 138 -2.71 -3.91 -12.55
N ALA B 139 -2.84 -4.27 -13.84
CA ALA B 139 -4.14 -4.26 -14.53
C ALA B 139 -5.12 -5.17 -13.81
N SER B 140 -4.63 -6.32 -13.35
CA SER B 140 -5.45 -7.29 -12.66
C SER B 140 -6.01 -6.78 -11.34
N ALA B 141 -5.20 -5.99 -10.63
CA ALA B 141 -5.59 -5.44 -9.34
C ALA B 141 -6.54 -4.25 -9.52
N ILE B 142 -6.35 -3.49 -10.58
CA ILE B 142 -7.25 -2.40 -10.85
C ILE B 142 -8.64 -2.95 -11.19
N THR B 143 -8.68 -3.95 -12.08
CA THR B 143 -9.89 -4.66 -12.42
C THR B 143 -10.69 -5.09 -11.17
N ALA B 144 -10.03 -5.71 -10.19
CA ALA B 144 -10.73 -6.19 -8.99
C ALA B 144 -11.23 -5.07 -8.08
N ASP B 145 -10.56 -3.92 -8.13
CA ASP B 145 -10.96 -2.73 -7.38
C ASP B 145 -12.26 -2.19 -8.01
N LEU B 146 -12.31 -2.17 -9.34
CA LEU B 146 -13.50 -1.71 -10.06
C LEU B 146 -14.66 -2.70 -9.92
N GLU B 147 -14.33 -3.98 -9.94
CA GLU B 147 -15.31 -5.04 -9.76
C GLU B 147 -15.93 -5.01 -8.38
N LEU B 149 -16.12 -2.05 -6.53
CA LEU B 149 -16.93 -0.84 -6.51
C LEU B 149 -18.28 -1.13 -7.15
N LYS B 150 -18.28 -2.09 -8.07
CA LYS B 150 -19.47 -2.47 -8.82
C LYS B 150 -20.43 -3.25 -7.91
N SER B 151 -19.88 -4.20 -7.13
CA SER B 151 -20.68 -5.01 -6.22
C SER B 151 -21.30 -4.17 -5.11
N LEU B 152 -20.50 -3.25 -4.59
CA LEU B 152 -20.86 -2.34 -3.52
C LEU B 152 -22.04 -1.45 -3.96
N LEU B 153 -21.94 -0.91 -5.17
CA LEU B 153 -22.97 0.00 -5.70
C LEU B 153 -24.26 -0.73 -6.11
N GLU B 154 -24.13 -1.96 -6.58
CA GLU B 154 -25.26 -2.71 -7.11
C GLU B 154 -26.07 -3.48 -6.04
N ALA B 155 -25.46 -3.71 -4.87
CA ALA B 155 -26.13 -4.43 -3.77
C ALA B 155 -27.27 -3.64 -3.15
#